data_1XHL
#
_entry.id   1XHL
#
_cell.length_a   109.589
_cell.length_b   109.589
_cell.length_c   162.591
_cell.angle_alpha   90.00
_cell.angle_beta   90.00
_cell.angle_gamma   90.00
#
_symmetry.space_group_name_H-M   'P 41 21 2'
#
loop_
_entity.id
_entity.type
_entity.pdbx_description
1 polymer 'Short-chain dehydrogenase/reductase family member (5L265), putative Tropinone Reductase-II'
2 non-polymer 'NADPH DIHYDRO-NICOTINAMIDE-ADENINE-DINUCLEOTIDE PHOSPHATE'
3 non-polymer 8-METHYL-8-AZABICYCLO[3,2,1]OCTAN-3-ONE
4 water water
#
_entity_poly.entity_id   1
_entity_poly.type   'polypeptide(L)'
_entity_poly.pdbx_seq_one_letter_code
;MGSSHHHHHHSSGLVPRGSHMARFSGKSVIITGSSNGIGRSAAVIFAKEGAQVTITGRNEDRLEETKQQILKAGVPAEKI
NAVVADVTEASGQDDIINTTLAKFGKIDILVNNAGANLADGTANTDQPVELYQKTFKLNFQAVIEMTQKTKEHLIKTKGE
IVNVSSIVAGPQAHSGYPYYACAKAALDQYTRCTAIDLIQHGVRVNSVSPGAVATGFMGAMGLPETASDKLYSFIGSRKE
CIPVGHCGKPEEIANIIVFLADRNLSSYIIGQSIVADGGSTLVMGMQTHDLMSVLSQ
;
_entity_poly.pdbx_strand_id   A,B
#
# COMPACT_ATOMS: atom_id res chain seq x y z
N ARG A 23 10.75 -31.54 4.72
CA ARG A 23 10.34 -32.19 3.48
C ARG A 23 9.02 -31.60 3.03
N PHE A 24 8.77 -31.66 1.72
CA PHE A 24 7.55 -31.18 1.00
C PHE A 24 7.12 -32.36 0.10
N SER A 25 7.49 -33.56 0.56
CA SER A 25 7.12 -34.83 -0.06
C SER A 25 5.61 -34.83 -0.02
N GLY A 26 5.00 -35.05 -1.19
CA GLY A 26 3.56 -35.07 -1.26
C GLY A 26 3.00 -33.66 -1.31
N LYS A 27 3.88 -32.68 -1.54
CA LYS A 27 3.45 -31.29 -1.64
C LYS A 27 3.61 -30.76 -3.05
N SER A 28 2.54 -30.11 -3.53
CA SER A 28 2.53 -29.51 -4.86
C SER A 28 2.75 -28.01 -4.64
N VAL A 29 3.85 -27.49 -5.18
CA VAL A 29 4.19 -26.08 -5.00
C VAL A 29 4.29 -25.25 -6.26
N ILE A 30 3.67 -24.07 -6.24
CA ILE A 30 3.73 -23.17 -7.38
C ILE A 30 4.57 -21.94 -7.02
N ILE A 31 5.65 -21.72 -7.77
CA ILE A 31 6.50 -20.56 -7.52
C ILE A 31 6.48 -19.63 -8.74
N THR A 32 5.70 -18.57 -8.68
CA THR A 32 5.67 -17.62 -9.80
C THR A 32 7.02 -16.91 -9.82
N GLY A 33 7.44 -16.46 -10.99
CA GLY A 33 8.73 -15.79 -11.07
C GLY A 33 9.88 -16.70 -10.69
N SER A 34 9.79 -17.98 -11.03
CA SER A 34 10.84 -18.93 -10.71
C SER A 34 11.77 -19.20 -11.89
N SER A 35 11.69 -18.35 -12.91
CA SER A 35 12.55 -18.48 -14.09
C SER A 35 13.88 -17.76 -13.83
N ASN A 36 14.00 -17.10 -12.68
CA ASN A 36 15.22 -16.38 -12.33
C ASN A 36 15.24 -15.97 -10.85
N GLY A 37 16.41 -15.54 -10.39
CA GLY A 37 16.59 -15.09 -9.02
C GLY A 37 16.01 -15.87 -7.86
N ILE A 38 15.41 -15.13 -6.92
CA ILE A 38 14.81 -15.71 -5.73
C ILE A 38 13.87 -16.87 -6.04
N GLY A 39 12.97 -16.66 -7.00
CA GLY A 39 12.03 -17.70 -7.38
C GLY A 39 12.76 -18.97 -7.78
N ARG A 40 13.79 -18.81 -8.60
CA ARG A 40 14.57 -19.96 -9.04
C ARG A 40 15.08 -20.75 -7.83
N SER A 41 15.78 -20.07 -6.92
CA SER A 41 16.34 -20.72 -5.73
C SER A 41 15.28 -21.42 -4.91
N ALA A 42 14.18 -20.72 -4.68
CA ALA A 42 13.07 -21.30 -3.91
C ALA A 42 12.65 -22.59 -4.58
N ALA A 43 12.46 -22.53 -5.89
CA ALA A 43 12.06 -23.70 -6.68
C ALA A 43 13.01 -24.89 -6.48
N VAL A 44 14.31 -24.67 -6.61
CA VAL A 44 15.23 -25.78 -6.43
C VAL A 44 15.20 -26.39 -5.02
N ILE A 45 15.07 -25.55 -3.98
CA ILE A 45 15.02 -26.07 -2.62
C ILE A 45 13.75 -26.92 -2.42
N PHE A 46 12.60 -26.37 -2.80
CA PHE A 46 11.34 -27.12 -2.68
C PHE A 46 11.47 -28.48 -3.36
N ALA A 47 12.05 -28.48 -4.56
CA ALA A 47 12.24 -29.70 -5.34
C ALA A 47 13.17 -30.66 -4.60
N LYS A 48 14.26 -30.13 -4.06
CA LYS A 48 15.21 -30.95 -3.32
C LYS A 48 14.53 -31.57 -2.10
N GLU A 49 13.53 -30.88 -1.55
CA GLU A 49 12.80 -31.37 -0.39
C GLU A 49 11.69 -32.34 -0.78
N GLY A 50 11.72 -32.81 -2.03
CA GLY A 50 10.73 -33.76 -2.49
C GLY A 50 9.36 -33.25 -2.93
N ALA A 51 9.26 -31.97 -3.23
CA ALA A 51 7.97 -31.40 -3.66
C ALA A 51 7.78 -31.47 -5.16
N GLN A 52 6.52 -31.52 -5.59
CA GLN A 52 6.21 -31.49 -7.01
C GLN A 52 6.20 -29.98 -7.22
N VAL A 53 7.02 -29.51 -8.15
CA VAL A 53 7.11 -28.07 -8.38
C VAL A 53 6.71 -27.56 -9.75
N THR A 54 6.01 -26.43 -9.75
CA THR A 54 5.59 -25.77 -10.98
C THR A 54 6.42 -24.50 -11.05
N ILE A 55 7.30 -24.42 -12.04
CA ILE A 55 8.13 -23.23 -12.23
C ILE A 55 7.59 -22.47 -13.42
N THR A 56 7.61 -21.14 -13.34
CA THR A 56 7.08 -20.34 -14.42
C THR A 56 7.75 -18.99 -14.62
N GLY A 57 7.58 -18.44 -15.82
CA GLY A 57 8.15 -17.15 -16.16
C GLY A 57 7.77 -16.87 -17.60
N ARG A 58 8.29 -15.79 -18.17
CA ARG A 58 8.00 -15.43 -19.56
C ARG A 58 9.15 -15.83 -20.48
N ASN A 59 10.38 -15.74 -19.96
CA ASN A 59 11.59 -16.07 -20.70
C ASN A 59 11.83 -17.58 -20.63
N GLU A 60 11.58 -18.27 -21.75
CA GLU A 60 11.75 -19.71 -21.83
C GLU A 60 13.19 -20.16 -21.62
N ASP A 61 14.15 -19.37 -22.09
CA ASP A 61 15.56 -19.72 -21.94
C ASP A 61 15.94 -19.83 -20.47
N ARG A 62 15.58 -18.82 -19.69
CA ARG A 62 15.90 -18.82 -18.28
C ARG A 62 15.06 -19.84 -17.51
N LEU A 63 13.82 -20.04 -17.93
CA LEU A 63 12.96 -21.02 -17.26
C LEU A 63 13.60 -22.41 -17.43
N GLU A 64 14.15 -22.65 -18.60
CA GLU A 64 14.82 -23.92 -18.90
C GLU A 64 16.02 -24.08 -17.97
N GLU A 65 16.76 -22.99 -17.77
CA GLU A 65 17.93 -23.01 -16.89
C GLU A 65 17.51 -23.42 -15.49
N THR A 66 16.37 -22.93 -15.03
CA THR A 66 15.87 -23.29 -13.71
C THR A 66 15.59 -24.78 -13.69
N LYS A 67 14.84 -25.27 -14.68
CA LYS A 67 14.51 -26.68 -14.79
C LYS A 67 15.78 -27.52 -14.74
N GLN A 68 16.79 -27.04 -15.46
CA GLN A 68 18.07 -27.73 -15.53
C GLN A 68 18.74 -27.86 -14.17
N GLN A 69 18.75 -26.79 -13.39
CA GLN A 69 19.36 -26.85 -12.07
C GLN A 69 18.62 -27.84 -11.18
N ILE A 70 17.30 -27.91 -11.32
CA ILE A 70 16.51 -28.83 -10.53
C ILE A 70 16.82 -30.27 -10.92
N LEU A 71 16.97 -30.52 -12.22
CA LEU A 71 17.28 -31.86 -12.71
C LEU A 71 18.67 -32.28 -12.24
N LYS A 72 19.60 -31.32 -12.23
CA LYS A 72 20.98 -31.59 -11.81
C LYS A 72 21.03 -31.91 -10.33
N ALA A 73 20.02 -31.44 -9.59
CA ALA A 73 19.94 -31.68 -8.16
C ALA A 73 19.43 -33.09 -7.87
N GLY A 74 19.20 -33.86 -8.92
CA GLY A 74 18.73 -35.23 -8.77
C GLY A 74 17.22 -35.39 -8.79
N VAL A 75 16.50 -34.30 -8.99
CA VAL A 75 15.04 -34.36 -9.02
C VAL A 75 14.56 -34.89 -10.38
N PRO A 76 13.61 -35.85 -10.36
CA PRO A 76 13.06 -36.43 -11.59
C PRO A 76 12.16 -35.44 -12.34
N ALA A 77 12.24 -35.46 -13.67
CA ALA A 77 11.47 -34.57 -14.52
C ALA A 77 9.96 -34.60 -14.29
N GLU A 78 9.43 -35.72 -13.83
CA GLU A 78 7.99 -35.81 -13.59
C GLU A 78 7.56 -34.98 -12.38
N LYS A 79 8.55 -34.50 -11.63
CA LYS A 79 8.29 -33.70 -10.43
C LYS A 79 8.31 -32.21 -10.76
N ILE A 80 8.77 -31.86 -11.94
CA ILE A 80 8.85 -30.46 -12.35
C ILE A 80 7.98 -30.08 -13.55
N ASN A 81 7.11 -29.10 -13.34
CA ASN A 81 6.19 -28.60 -14.37
C ASN A 81 6.51 -27.17 -14.78
N ALA A 82 7.25 -27.02 -15.88
CA ALA A 82 7.63 -25.70 -16.38
C ALA A 82 6.52 -25.10 -17.24
N VAL A 83 6.13 -23.88 -16.92
CA VAL A 83 5.07 -23.20 -17.65
C VAL A 83 5.48 -21.79 -18.07
N VAL A 84 5.42 -21.53 -19.37
CA VAL A 84 5.76 -20.21 -19.88
C VAL A 84 4.48 -19.38 -19.81
N ALA A 85 4.53 -18.26 -19.09
CA ALA A 85 3.35 -17.44 -18.95
C ALA A 85 3.63 -16.06 -18.38
N ASP A 86 2.70 -15.15 -18.63
CA ASP A 86 2.79 -13.79 -18.10
C ASP A 86 1.83 -13.80 -16.93
N VAL A 87 2.37 -13.63 -15.74
CA VAL A 87 1.57 -13.64 -14.53
C VAL A 87 0.50 -12.55 -14.47
N THR A 88 0.65 -11.49 -15.28
CA THR A 88 -0.34 -10.41 -15.27
C THR A 88 -1.53 -10.69 -16.18
N GLU A 89 -1.40 -11.69 -17.05
CA GLU A 89 -2.47 -12.05 -17.97
C GLU A 89 -3.29 -13.21 -17.42
N ALA A 90 -4.61 -13.08 -17.50
CA ALA A 90 -5.51 -14.13 -17.02
C ALA A 90 -5.13 -15.46 -17.67
N SER A 91 -4.78 -15.40 -18.95
CA SER A 91 -4.40 -16.60 -19.69
C SER A 91 -3.20 -17.27 -19.03
N GLY A 92 -2.20 -16.49 -18.65
CA GLY A 92 -1.02 -17.02 -18.00
C GLY A 92 -1.34 -17.60 -16.63
N GLN A 93 -2.14 -16.87 -15.86
CA GLN A 93 -2.54 -17.31 -14.53
C GLN A 93 -3.25 -18.65 -14.58
N ASP A 94 -4.23 -18.77 -15.49
CA ASP A 94 -4.98 -20.01 -15.62
C ASP A 94 -4.10 -21.18 -16.03
N ASP A 95 -3.11 -20.95 -16.90
CA ASP A 95 -2.22 -22.02 -17.33
C ASP A 95 -1.34 -22.47 -16.18
N ILE A 96 -0.85 -21.50 -15.40
CA ILE A 96 -0.01 -21.82 -14.26
C ILE A 96 -0.76 -22.74 -13.29
N ILE A 97 -1.99 -22.37 -12.97
CA ILE A 97 -2.79 -23.15 -12.05
C ILE A 97 -3.30 -24.47 -12.62
N ASN A 98 -3.94 -24.44 -13.77
CA ASN A 98 -4.48 -25.64 -14.40
C ASN A 98 -3.45 -26.73 -14.70
N THR A 99 -2.29 -26.35 -15.22
CA THR A 99 -1.26 -27.34 -15.53
C THR A 99 -0.82 -28.07 -14.26
N THR A 100 -0.73 -27.34 -13.15
CA THR A 100 -0.30 -27.97 -11.91
C THR A 100 -1.39 -28.93 -11.43
N LEU A 101 -2.64 -28.48 -11.48
CA LEU A 101 -3.75 -29.33 -11.06
C LEU A 101 -3.88 -30.56 -11.95
N ALA A 102 -3.65 -30.40 -13.24
CA ALA A 102 -3.77 -31.51 -14.18
C ALA A 102 -2.63 -32.52 -13.98
N LYS A 103 -1.41 -32.01 -13.80
CA LYS A 103 -0.25 -32.88 -13.61
C LYS A 103 -0.08 -33.41 -12.17
N PHE A 104 -0.34 -32.57 -11.18
CA PHE A 104 -0.16 -32.97 -9.78
C PHE A 104 -1.46 -33.22 -9.01
N GLY A 105 -2.59 -32.88 -9.61
CA GLY A 105 -3.86 -33.13 -8.95
C GLY A 105 -4.28 -32.22 -7.80
N LYS A 106 -3.37 -31.34 -7.36
CA LYS A 106 -3.69 -30.43 -6.25
C LYS A 106 -2.62 -29.36 -6.07
N ILE A 107 -2.92 -28.40 -5.22
CA ILE A 107 -2.00 -27.31 -4.92
C ILE A 107 -1.93 -27.12 -3.40
N ASP A 108 -0.73 -27.22 -2.86
CA ASP A 108 -0.52 -27.08 -1.41
C ASP A 108 0.09 -25.74 -1.04
N ILE A 109 1.01 -25.28 -1.88
CA ILE A 109 1.69 -24.02 -1.61
C ILE A 109 1.76 -23.11 -2.82
N LEU A 110 1.50 -21.84 -2.60
CA LEU A 110 1.58 -20.81 -3.64
C LEU A 110 2.49 -19.72 -3.15
N VAL A 111 3.57 -19.47 -3.88
CA VAL A 111 4.48 -18.41 -3.50
C VAL A 111 4.45 -17.34 -4.58
N ASN A 112 3.92 -16.18 -4.22
CA ASN A 112 3.83 -15.05 -5.13
C ASN A 112 5.15 -14.29 -5.10
N ASN A 113 6.10 -14.77 -5.91
CA ASN A 113 7.43 -14.17 -5.98
C ASN A 113 7.60 -13.22 -7.17
N ALA A 114 6.89 -13.46 -8.27
CA ALA A 114 7.01 -12.60 -9.46
C ALA A 114 6.85 -11.13 -9.11
N GLY A 115 7.81 -10.32 -9.54
CA GLY A 115 7.76 -8.89 -9.28
C GLY A 115 8.95 -8.16 -9.88
N ALA A 116 8.84 -6.85 -10.05
CA ALA A 116 9.90 -6.06 -10.63
C ALA A 116 9.64 -4.57 -10.49
N ASN A 117 10.71 -3.80 -10.40
CA ASN A 117 10.61 -2.35 -10.30
C ASN A 117 10.65 -1.84 -11.74
N LEU A 118 9.49 -1.82 -12.39
CA LEU A 118 9.40 -1.37 -13.77
C LEU A 118 9.96 0.02 -13.95
N ALA A 119 10.79 0.19 -14.98
CA ALA A 119 11.40 1.48 -15.27
C ALA A 119 11.11 1.92 -16.71
N ASP A 120 10.91 3.22 -16.89
CA ASP A 120 10.64 3.77 -18.22
C ASP A 120 11.54 4.97 -18.48
N GLY A 121 12.54 5.15 -17.64
CA GLY A 121 13.46 6.27 -17.80
C GLY A 121 13.13 7.44 -16.88
N THR A 122 11.88 7.53 -16.40
CA THR A 122 11.49 8.61 -15.51
C THR A 122 11.70 8.21 -14.05
N ALA A 123 11.66 9.19 -13.16
CA ALA A 123 11.86 8.92 -11.75
C ALA A 123 11.13 9.89 -10.84
N ASN A 124 11.17 9.60 -9.54
CA ASN A 124 10.55 10.43 -8.52
C ASN A 124 9.05 10.57 -8.72
N THR A 125 8.45 11.55 -8.06
CA THR A 125 7.01 11.75 -8.15
C THR A 125 6.57 12.09 -9.58
N ASP A 126 7.52 12.19 -10.51
CA ASP A 126 7.19 12.51 -11.90
C ASP A 126 6.85 11.29 -12.75
N GLN A 127 7.18 10.09 -12.27
CA GLN A 127 6.87 8.89 -13.04
C GLN A 127 5.39 8.99 -13.38
N PRO A 128 5.04 8.70 -14.65
CA PRO A 128 3.65 8.76 -15.14
C PRO A 128 2.71 7.71 -14.55
N VAL A 129 1.41 8.04 -14.50
CA VAL A 129 0.43 7.10 -13.97
C VAL A 129 0.45 5.82 -14.79
N GLU A 130 0.86 5.91 -16.04
CA GLU A 130 0.93 4.73 -16.89
C GLU A 130 1.95 3.75 -16.31
N LEU A 131 3.05 4.26 -15.77
CA LEU A 131 4.05 3.39 -15.18
C LEU A 131 3.46 2.81 -13.90
N TYR A 132 2.65 3.63 -13.22
CA TYR A 132 1.99 3.22 -11.99
C TYR A 132 1.08 2.02 -12.26
N GLN A 133 0.22 2.14 -13.27
CA GLN A 133 -0.70 1.08 -13.62
C GLN A 133 0.00 -0.23 -13.95
N LYS A 134 1.10 -0.14 -14.70
CA LYS A 134 1.84 -1.34 -15.06
C LYS A 134 2.54 -1.92 -13.85
N THR A 135 3.09 -1.06 -12.99
CA THR A 135 3.79 -1.52 -11.80
C THR A 135 2.85 -2.25 -10.83
N PHE A 136 1.64 -1.73 -10.67
CA PHE A 136 0.67 -2.35 -9.77
C PHE A 136 0.05 -3.61 -10.35
N LYS A 137 -0.12 -3.66 -11.66
CA LYS A 137 -0.72 -4.84 -12.29
C LYS A 137 0.17 -6.06 -12.04
N LEU A 138 1.48 -5.86 -12.09
CA LEU A 138 2.42 -6.94 -11.86
C LEU A 138 2.64 -7.24 -10.38
N ASN A 139 3.09 -6.23 -9.64
CA ASN A 139 3.41 -6.37 -8.23
C ASN A 139 2.26 -6.45 -7.22
N PHE A 140 1.04 -6.18 -7.66
CA PHE A 140 -0.08 -6.23 -6.72
C PHE A 140 -1.30 -6.98 -7.26
N GLN A 141 -1.83 -6.53 -8.39
CA GLN A 141 -3.02 -7.17 -8.98
C GLN A 141 -2.79 -8.64 -9.34
N ALA A 142 -1.58 -8.97 -9.79
CA ALA A 142 -1.26 -10.34 -10.13
C ALA A 142 -1.33 -11.19 -8.85
N VAL A 143 -0.97 -10.59 -7.71
CA VAL A 143 -1.03 -11.31 -6.45
C VAL A 143 -2.48 -11.49 -6.05
N ILE A 144 -3.29 -10.45 -6.20
CA ILE A 144 -4.70 -10.56 -5.86
C ILE A 144 -5.31 -11.69 -6.66
N GLU A 145 -5.08 -11.66 -7.97
CA GLU A 145 -5.63 -12.66 -8.86
C GLU A 145 -5.15 -14.09 -8.60
N MET A 146 -3.85 -14.29 -8.44
CA MET A 146 -3.34 -15.62 -8.16
C MET A 146 -3.91 -16.11 -6.83
N THR A 147 -4.06 -15.20 -5.87
CA THR A 147 -4.59 -15.57 -4.58
C THR A 147 -6.04 -16.00 -4.74
N GLN A 148 -6.84 -15.20 -5.43
CA GLN A 148 -8.24 -15.55 -5.64
C GLN A 148 -8.42 -16.85 -6.39
N LYS A 149 -7.61 -17.07 -7.43
CA LYS A 149 -7.73 -18.28 -8.23
C LYS A 149 -7.15 -19.54 -7.60
N THR A 150 -6.24 -19.40 -6.64
CA THR A 150 -5.66 -20.57 -6.02
C THR A 150 -6.35 -20.95 -4.69
N LYS A 151 -6.96 -19.97 -4.04
CA LYS A 151 -7.68 -20.18 -2.77
C LYS A 151 -8.33 -21.55 -2.64
N GLU A 152 -9.38 -21.75 -3.44
CA GLU A 152 -10.16 -22.97 -3.44
C GLU A 152 -9.33 -24.24 -3.26
N HIS A 153 -8.25 -24.32 -4.02
CA HIS A 153 -7.39 -25.49 -3.95
C HIS A 153 -6.53 -25.52 -2.70
N LEU A 154 -6.17 -24.33 -2.20
CA LEU A 154 -5.36 -24.22 -1.00
C LEU A 154 -6.19 -24.58 0.24
N ILE A 155 -7.47 -24.24 0.25
CA ILE A 155 -8.27 -24.58 1.41
C ILE A 155 -8.57 -26.08 1.35
N LYS A 156 -8.49 -26.64 0.15
CA LYS A 156 -8.74 -28.06 -0.06
C LYS A 156 -7.66 -28.88 0.63
N THR A 157 -6.43 -28.37 0.61
CA THR A 157 -5.31 -29.06 1.22
C THR A 157 -4.77 -28.40 2.48
N LYS A 158 -5.49 -27.39 3.00
CA LYS A 158 -5.03 -26.68 4.20
C LYS A 158 -3.61 -26.24 3.88
N GLY A 159 -3.47 -25.56 2.73
CA GLY A 159 -2.16 -25.11 2.28
C GLY A 159 -1.59 -23.79 2.78
N GLU A 160 -0.53 -23.36 2.11
CA GLU A 160 0.18 -22.14 2.46
C GLU A 160 0.30 -21.14 1.32
N ILE A 161 0.54 -19.89 1.69
CA ILE A 161 0.77 -18.81 0.74
C ILE A 161 1.92 -17.96 1.29
N VAL A 162 2.94 -17.76 0.47
CA VAL A 162 4.06 -16.93 0.85
C VAL A 162 4.23 -15.83 -0.18
N ASN A 163 4.10 -14.58 0.25
CA ASN A 163 4.26 -13.48 -0.67
C ASN A 163 5.65 -12.87 -0.52
N VAL A 164 6.17 -12.31 -1.60
CA VAL A 164 7.48 -11.68 -1.56
C VAL A 164 7.29 -10.19 -1.75
N SER A 165 7.57 -9.42 -0.71
CA SER A 165 7.42 -7.98 -0.74
C SER A 165 8.80 -7.36 -0.90
N SER A 166 9.06 -6.29 -0.14
CA SER A 166 10.35 -5.60 -0.22
C SER A 166 10.43 -4.51 0.84
N ILE A 167 11.64 -4.22 1.31
CA ILE A 167 11.82 -3.17 2.32
C ILE A 167 11.46 -1.84 1.67
N VAL A 168 11.21 -1.91 0.38
CA VAL A 168 10.85 -0.74 -0.41
C VAL A 168 9.47 -0.20 0.00
N ALA A 169 8.71 -1.00 0.76
CA ALA A 169 7.39 -0.57 1.22
C ALA A 169 7.46 0.44 2.38
N GLY A 170 8.56 0.41 3.12
CA GLY A 170 8.74 1.30 4.25
C GLY A 170 9.64 0.63 5.28
N PRO A 171 9.84 1.24 6.46
CA PRO A 171 9.26 2.50 6.89
C PRO A 171 9.94 3.74 6.29
N GLN A 172 11.03 3.52 5.57
CA GLN A 172 11.73 4.64 4.93
C GLN A 172 11.04 4.99 3.62
N ALA A 173 11.33 6.18 3.11
CA ALA A 173 10.76 6.62 1.84
C ALA A 173 11.64 6.07 0.71
N HIS A 174 11.03 5.89 -0.46
CA HIS A 174 11.73 5.42 -1.65
C HIS A 174 11.16 6.26 -2.78
N SER A 175 11.42 7.56 -2.67
CA SER A 175 10.94 8.58 -3.59
C SER A 175 11.31 8.47 -5.07
N GLY A 176 12.36 7.72 -5.37
CA GLY A 176 12.76 7.58 -6.75
C GLY A 176 11.80 6.72 -7.58
N TYR A 177 11.14 5.78 -6.93
CA TYR A 177 10.21 4.88 -7.60
C TYR A 177 9.00 4.61 -6.71
N PRO A 178 8.15 5.62 -6.53
CA PRO A 178 6.95 5.56 -5.69
C PRO A 178 5.95 4.43 -5.93
N TYR A 179 5.68 4.13 -7.19
CA TYR A 179 4.70 3.11 -7.49
C TYR A 179 5.16 1.69 -7.11
N TYR A 180 6.44 1.42 -7.31
CA TYR A 180 6.97 0.12 -6.94
C TYR A 180 6.97 0.04 -5.42
N ALA A 181 7.33 1.14 -4.76
CA ALA A 181 7.34 1.19 -3.31
C ALA A 181 5.95 1.02 -2.73
N CYS A 182 4.99 1.78 -3.27
CA CYS A 182 3.61 1.74 -2.79
C CYS A 182 2.90 0.43 -3.09
N ALA A 183 3.29 -0.21 -4.19
CA ALA A 183 2.68 -1.48 -4.57
C ALA A 183 3.05 -2.51 -3.49
N LYS A 184 4.30 -2.47 -3.06
CA LYS A 184 4.78 -3.39 -2.03
C LYS A 184 4.11 -3.07 -0.69
N ALA A 185 3.85 -1.79 -0.44
CA ALA A 185 3.18 -1.37 0.78
C ALA A 185 1.75 -1.91 0.77
N ALA A 186 1.12 -1.92 -0.41
CA ALA A 186 -0.24 -2.43 -0.54
C ALA A 186 -0.22 -3.93 -0.31
N LEU A 187 0.81 -4.59 -0.86
CA LEU A 187 0.98 -6.03 -0.74
C LEU A 187 1.00 -6.45 0.74
N ASP A 188 1.80 -5.74 1.53
CA ASP A 188 1.91 -6.04 2.95
C ASP A 188 0.57 -6.04 3.65
N GLN A 189 -0.28 -5.06 3.34
CA GLN A 189 -1.59 -5.03 3.99
C GLN A 189 -2.47 -6.13 3.41
N TYR A 190 -2.19 -6.55 2.18
CA TYR A 190 -2.97 -7.61 1.54
C TYR A 190 -2.62 -8.94 2.20
N THR A 191 -1.33 -9.08 2.54
CA THR A 191 -0.86 -10.28 3.21
C THR A 191 -1.59 -10.42 4.52
N ARG A 192 -1.69 -9.32 5.25
CA ARG A 192 -2.38 -9.33 6.54
C ARG A 192 -3.86 -9.63 6.39
N CYS A 193 -4.51 -8.95 5.45
CA CYS A 193 -5.94 -9.14 5.21
C CYS A 193 -6.28 -10.58 4.84
N THR A 194 -5.61 -11.11 3.81
CA THR A 194 -5.88 -12.47 3.38
C THR A 194 -5.50 -13.50 4.43
N ALA A 195 -4.47 -13.20 5.22
CA ALA A 195 -4.03 -14.12 6.26
C ALA A 195 -5.15 -14.32 7.28
N ILE A 196 -5.75 -13.22 7.70
CA ILE A 196 -6.83 -13.29 8.68
C ILE A 196 -8.10 -13.85 8.06
N ASP A 197 -8.29 -13.61 6.77
CA ASP A 197 -9.48 -14.12 6.10
C ASP A 197 -9.37 -15.59 5.74
N LEU A 198 -8.24 -15.97 5.15
CA LEU A 198 -8.06 -17.36 4.73
C LEU A 198 -7.71 -18.35 5.84
N ILE A 199 -7.21 -17.85 6.98
CA ILE A 199 -6.85 -18.76 8.06
C ILE A 199 -8.11 -19.44 8.62
N GLN A 200 -9.24 -18.77 8.57
CA GLN A 200 -10.46 -19.39 9.08
C GLN A 200 -10.86 -20.58 8.23
N HIS A 201 -10.20 -20.74 7.08
CA HIS A 201 -10.47 -21.86 6.18
C HIS A 201 -9.27 -22.79 6.19
N GLY A 202 -8.35 -22.54 7.12
CA GLY A 202 -7.18 -23.38 7.26
C GLY A 202 -5.94 -23.08 6.42
N VAL A 203 -5.93 -21.95 5.72
CA VAL A 203 -4.75 -21.62 4.92
C VAL A 203 -3.93 -20.47 5.52
N ARG A 204 -2.63 -20.69 5.64
CA ARG A 204 -1.73 -19.67 6.20
C ARG A 204 -1.15 -18.75 5.14
N VAL A 205 -1.11 -17.45 5.46
CA VAL A 205 -0.58 -16.46 4.54
C VAL A 205 0.50 -15.64 5.25
N ASN A 206 1.69 -15.63 4.68
CA ASN A 206 2.81 -14.87 5.22
C ASN A 206 3.64 -14.28 4.08
N SER A 207 4.71 -13.59 4.44
CA SER A 207 5.53 -12.96 3.43
C SER A 207 6.94 -12.68 3.93
N VAL A 208 7.84 -12.42 2.99
CA VAL A 208 9.21 -12.07 3.31
C VAL A 208 9.49 -10.75 2.57
N SER A 209 10.10 -9.78 3.26
CA SER A 209 10.44 -8.49 2.65
C SER A 209 11.95 -8.42 2.51
N PRO A 210 12.48 -8.82 1.34
CA PRO A 210 13.93 -8.77 1.14
C PRO A 210 14.48 -7.37 1.01
N GLY A 211 15.78 -7.26 1.28
CA GLY A 211 16.47 -6.00 1.11
C GLY A 211 17.17 -6.20 -0.22
N ALA A 212 18.41 -5.73 -0.36
CA ALA A 212 19.14 -5.91 -1.61
C ALA A 212 19.61 -7.35 -1.77
N VAL A 213 19.36 -7.94 -2.92
CA VAL A 213 19.81 -9.29 -3.21
C VAL A 213 20.22 -9.38 -4.68
N ALA A 214 21.47 -9.83 -4.88
CA ALA A 214 22.06 -9.97 -6.21
C ALA A 214 21.31 -10.99 -7.04
N THR A 215 20.51 -10.49 -7.97
CA THR A 215 19.71 -11.35 -8.80
C THR A 215 19.64 -10.72 -10.18
N GLY A 216 18.53 -10.91 -10.89
CA GLY A 216 18.38 -10.30 -12.19
C GLY A 216 17.51 -9.06 -12.10
N PHE A 217 17.20 -8.67 -10.86
CA PHE A 217 16.35 -7.51 -10.60
C PHE A 217 16.86 -6.24 -11.26
N MET A 218 18.13 -5.92 -11.05
CA MET A 218 18.72 -4.73 -11.63
C MET A 218 18.81 -4.82 -13.16
N GLY A 219 19.06 -6.03 -13.65
CA GLY A 219 19.13 -6.24 -15.08
C GLY A 219 17.79 -5.90 -15.72
N ALA A 220 16.71 -6.38 -15.10
CA ALA A 220 15.37 -6.12 -15.62
C ALA A 220 15.11 -4.62 -15.68
N MET A 221 15.78 -3.86 -14.83
CA MET A 221 15.63 -2.41 -14.79
C MET A 221 16.42 -1.73 -15.91
N GLY A 222 17.30 -2.49 -16.55
CA GLY A 222 18.08 -1.91 -17.64
C GLY A 222 19.58 -1.89 -17.48
N LEU A 223 20.10 -2.33 -16.35
CA LEU A 223 21.54 -2.32 -16.14
C LEU A 223 22.27 -3.53 -16.69
N PRO A 224 23.37 -3.30 -17.42
CA PRO A 224 24.16 -4.41 -17.99
C PRO A 224 24.74 -5.20 -16.82
N GLU A 225 25.02 -6.48 -17.04
CA GLU A 225 25.55 -7.32 -15.97
C GLU A 225 26.76 -6.70 -15.25
N THR A 226 27.64 -6.03 -15.99
CA THR A 226 28.81 -5.43 -15.38
C THR A 226 28.45 -4.33 -14.38
N ALA A 227 27.49 -3.48 -14.74
CA ALA A 227 27.05 -2.40 -13.88
C ALA A 227 26.34 -2.99 -12.66
N SER A 228 25.54 -4.01 -12.91
CA SER A 228 24.79 -4.71 -11.87
C SER A 228 25.75 -5.29 -10.82
N ASP A 229 26.72 -6.06 -11.28
CA ASP A 229 27.71 -6.67 -10.40
C ASP A 229 28.45 -5.61 -9.58
N LYS A 230 28.76 -4.49 -10.22
CA LYS A 230 29.46 -3.41 -9.55
C LYS A 230 28.59 -2.85 -8.43
N LEU A 231 27.35 -2.54 -8.78
CA LEU A 231 26.39 -2.00 -7.82
C LEU A 231 26.25 -2.93 -6.61
N TYR A 232 25.98 -4.20 -6.88
CA TYR A 232 25.81 -5.18 -5.82
C TYR A 232 27.04 -5.36 -4.94
N SER A 233 28.22 -5.36 -5.57
CA SER A 233 29.46 -5.51 -4.83
C SER A 233 29.69 -4.31 -3.92
N PHE A 234 29.41 -3.12 -4.44
CA PHE A 234 29.58 -1.92 -3.65
C PHE A 234 28.76 -1.94 -2.36
N ILE A 235 27.45 -2.06 -2.47
CA ILE A 235 26.61 -2.05 -1.28
C ILE A 235 26.89 -3.20 -0.33
N GLY A 236 27.39 -4.31 -0.88
CA GLY A 236 27.70 -5.46 -0.05
C GLY A 236 28.96 -5.27 0.77
N SER A 237 29.79 -4.30 0.39
CA SER A 237 31.04 -4.03 1.08
C SER A 237 30.99 -2.85 2.05
N ARG A 238 29.92 -2.07 2.01
CA ARG A 238 29.78 -0.91 2.88
C ARG A 238 28.77 -1.24 3.97
N LYS A 239 29.21 -1.20 5.23
CA LYS A 239 28.32 -1.52 6.33
C LYS A 239 27.16 -0.56 6.52
N GLU A 240 27.29 0.68 6.07
CA GLU A 240 26.18 1.62 6.23
C GLU A 240 25.12 1.29 5.18
N CYS A 241 25.49 0.42 4.23
CA CYS A 241 24.57 -0.02 3.17
C CYS A 241 23.92 -1.35 3.57
N ILE A 242 24.75 -2.36 3.83
CA ILE A 242 24.27 -3.67 4.25
C ILE A 242 25.17 -4.11 5.40
N PRO A 243 24.76 -3.83 6.64
CA PRO A 243 25.52 -4.19 7.84
C PRO A 243 26.07 -5.61 7.90
N VAL A 244 25.32 -6.60 7.40
CA VAL A 244 25.76 -7.98 7.48
C VAL A 244 27.08 -8.30 6.77
N GLY A 245 27.53 -7.44 5.87
CA GLY A 245 28.81 -7.68 5.21
C GLY A 245 28.84 -8.22 3.80
N HIS A 246 27.67 -8.55 3.25
CA HIS A 246 27.61 -9.04 1.88
C HIS A 246 26.24 -8.73 1.31
N CYS A 247 26.15 -8.74 -0.02
CA CYS A 247 24.87 -8.48 -0.65
C CYS A 247 24.09 -9.79 -0.54
N GLY A 248 22.79 -9.68 -0.35
CA GLY A 248 21.99 -10.89 -0.25
C GLY A 248 22.04 -11.75 -1.50
N LYS A 249 21.95 -13.06 -1.29
CA LYS A 249 21.95 -14.03 -2.38
C LYS A 249 20.56 -14.66 -2.42
N PRO A 250 20.08 -15.01 -3.62
CA PRO A 250 18.75 -15.62 -3.79
C PRO A 250 18.42 -16.69 -2.74
N GLU A 251 19.38 -17.57 -2.48
CA GLU A 251 19.19 -18.65 -1.53
C GLU A 251 18.81 -18.17 -0.13
N GLU A 252 19.39 -17.06 0.30
CA GLU A 252 19.10 -16.51 1.62
C GLU A 252 17.63 -16.12 1.78
N ILE A 253 17.00 -15.70 0.70
CA ILE A 253 15.59 -15.32 0.74
C ILE A 253 14.75 -16.58 0.54
N ALA A 254 15.23 -17.48 -0.31
CA ALA A 254 14.53 -18.74 -0.59
C ALA A 254 14.37 -19.54 0.70
N ASN A 255 15.43 -19.58 1.50
CA ASN A 255 15.42 -20.30 2.77
C ASN A 255 14.26 -19.84 3.65
N ILE A 256 14.09 -18.54 3.79
CA ILE A 256 13.02 -18.05 4.65
C ILE A 256 11.64 -18.26 4.01
N ILE A 257 11.59 -18.27 2.68
CA ILE A 257 10.32 -18.52 2.00
C ILE A 257 9.90 -19.96 2.30
N VAL A 258 10.89 -20.85 2.24
CA VAL A 258 10.66 -22.27 2.51
C VAL A 258 10.27 -22.52 3.97
N PHE A 259 10.86 -21.77 4.89
CA PHE A 259 10.54 -21.91 6.29
C PHE A 259 9.07 -21.54 6.51
N LEU A 260 8.67 -20.41 5.91
CA LEU A 260 7.30 -19.92 6.03
C LEU A 260 6.29 -20.81 5.33
N ALA A 261 6.77 -21.59 4.36
CA ALA A 261 5.90 -22.49 3.61
C ALA A 261 5.77 -23.84 4.31
N ASP A 262 6.59 -24.04 5.32
CA ASP A 262 6.60 -25.28 6.09
C ASP A 262 5.73 -25.15 7.34
N ARG A 263 4.45 -25.48 7.21
CA ARG A 263 3.53 -25.39 8.34
C ARG A 263 4.05 -26.10 9.59
N ASN A 264 4.73 -27.22 9.39
CA ASN A 264 5.27 -27.99 10.52
C ASN A 264 6.23 -27.16 11.39
N LEU A 265 6.88 -26.17 10.79
CA LEU A 265 7.84 -25.33 11.51
C LEU A 265 7.36 -23.92 11.88
N SER A 266 6.63 -23.27 10.98
CA SER A 266 6.17 -21.89 11.19
C SER A 266 4.67 -21.74 11.45
N SER A 267 4.01 -22.85 11.74
CA SER A 267 2.57 -22.86 11.97
C SER A 267 1.97 -21.70 12.78
N TYR A 268 2.73 -21.16 13.73
CA TYR A 268 2.20 -20.09 14.56
C TYR A 268 2.44 -18.68 14.04
N ILE A 269 3.13 -18.57 12.91
CA ILE A 269 3.38 -17.25 12.28
C ILE A 269 2.24 -17.01 11.29
N ILE A 270 1.48 -15.94 11.49
CA ILE A 270 0.35 -15.62 10.61
C ILE A 270 0.31 -14.16 10.18
N GLY A 271 0.10 -13.92 8.88
CA GLY A 271 0.02 -12.57 8.37
C GLY A 271 1.20 -11.65 8.64
N GLN A 272 2.39 -12.22 8.69
CA GLN A 272 3.59 -11.45 8.95
C GLN A 272 4.53 -11.45 7.75
N SER A 273 5.33 -10.41 7.63
CA SER A 273 6.31 -10.33 6.56
C SER A 273 7.66 -10.11 7.23
N ILE A 274 8.48 -11.16 7.29
CA ILE A 274 9.78 -11.02 7.93
C ILE A 274 10.77 -10.32 7.00
N VAL A 275 11.43 -9.31 7.56
CA VAL A 275 12.40 -8.49 6.85
C VAL A 275 13.78 -9.14 6.83
N ALA A 276 14.29 -9.35 5.61
CA ALA A 276 15.60 -9.97 5.40
C ALA A 276 16.40 -9.03 4.52
N ASP A 277 17.08 -8.07 5.15
CA ASP A 277 17.86 -7.09 4.41
C ASP A 277 19.28 -6.95 4.95
N GLY A 278 19.75 -7.97 5.66
CA GLY A 278 21.09 -7.91 6.22
C GLY A 278 21.28 -6.71 7.11
N GLY A 279 20.18 -6.14 7.59
CA GLY A 279 20.23 -4.98 8.47
C GLY A 279 20.15 -3.59 7.84
N SER A 280 19.90 -3.52 6.54
CA SER A 280 19.84 -2.23 5.87
C SER A 280 18.87 -1.20 6.45
N THR A 281 17.66 -1.63 6.76
CA THR A 281 16.67 -0.69 7.29
C THR A 281 16.97 -0.22 8.70
N LEU A 282 18.01 -0.79 9.32
CA LEU A 282 18.38 -0.41 10.68
C LEU A 282 19.36 0.76 10.71
N VAL A 283 19.70 1.30 9.53
CA VAL A 283 20.64 2.41 9.45
C VAL A 283 20.01 3.69 8.86
N MET A 284 20.17 4.81 9.56
CA MET A 284 19.65 6.10 9.11
C MET A 284 20.67 6.77 8.21
N GLY A 285 20.21 7.64 7.32
CA GLY A 285 21.14 8.35 6.47
C GLY A 285 22.06 9.22 7.32
N MET A 286 21.53 9.73 8.43
CA MET A 286 22.30 10.59 9.32
C MET A 286 23.45 9.83 10.02
N GLN A 287 23.27 8.54 10.22
CA GLN A 287 24.27 7.74 10.88
C GLN A 287 25.48 7.41 10.01
N THR A 288 25.44 7.77 8.73
CA THR A 288 26.56 7.50 7.84
C THR A 288 27.75 8.42 8.14
N HIS A 289 27.52 9.43 8.99
CA HIS A 289 28.57 10.35 9.39
C HIS A 289 28.89 10.18 10.87
N ASP A 290 30.15 9.91 11.19
CA ASP A 290 30.51 9.74 12.59
C ASP A 290 30.88 11.12 13.17
N LEU A 291 30.66 11.27 14.47
CA LEU A 291 30.93 12.53 15.17
C LEU A 291 32.26 13.21 14.83
N MET A 292 33.37 12.50 15.04
CA MET A 292 34.70 13.07 14.77
C MET A 292 34.91 13.61 13.37
N SER A 293 34.34 12.93 12.37
CA SER A 293 34.47 13.38 10.98
C SER A 293 33.80 14.73 10.81
N VAL A 294 32.65 14.91 11.47
CA VAL A 294 31.90 16.15 11.38
C VAL A 294 32.63 17.31 12.06
N LEU A 295 33.21 17.04 13.22
CA LEU A 295 33.95 18.05 13.97
C LEU A 295 35.21 18.53 13.28
N SER A 296 35.55 17.90 12.17
CA SER A 296 36.70 18.28 11.36
C SER A 296 36.20 18.57 9.93
N ARG B 23 -3.72 31.25 11.71
CA ARG B 23 -4.36 31.92 10.53
C ARG B 23 -3.76 31.45 9.21
N PHE B 24 -4.61 31.47 8.19
CA PHE B 24 -4.24 31.06 6.84
C PHE B 24 -4.66 32.19 5.92
N SER B 25 -4.56 33.41 6.44
CA SER B 25 -4.93 34.62 5.72
C SER B 25 -4.27 34.71 4.35
N GLY B 26 -5.09 34.75 3.31
CA GLY B 26 -4.57 34.85 1.95
C GLY B 26 -4.20 33.52 1.30
N LYS B 27 -4.04 32.48 2.11
CA LYS B 27 -3.67 31.17 1.59
C LYS B 27 -4.74 30.60 0.67
N SER B 28 -4.29 29.98 -0.41
CA SER B 28 -5.20 29.35 -1.38
C SER B 28 -5.22 27.87 -1.02
N VAL B 29 -6.38 27.38 -0.61
CA VAL B 29 -6.52 25.99 -0.19
C VAL B 29 -7.52 25.15 -0.97
N ILE B 30 -7.05 24.02 -1.48
CA ILE B 30 -7.90 23.10 -2.21
C ILE B 30 -8.23 21.90 -1.31
N ILE B 31 -9.51 21.69 -1.00
CA ILE B 31 -9.90 20.54 -0.19
C ILE B 31 -10.80 19.61 -0.99
N THR B 32 -10.24 18.51 -1.47
CA THR B 32 -11.04 17.56 -2.23
C THR B 32 -11.98 16.89 -1.25
N GLY B 33 -13.13 16.45 -1.75
CA GLY B 33 -14.11 15.79 -0.91
C GLY B 33 -14.60 16.69 0.22
N SER B 34 -14.87 17.96 -0.08
CA SER B 34 -15.35 18.88 0.95
C SER B 34 -16.85 19.15 0.87
N SER B 35 -17.57 18.25 0.19
CA SER B 35 -19.01 18.38 0.07
C SER B 35 -19.66 17.58 1.20
N ASN B 36 -18.84 17.06 2.10
CA ASN B 36 -19.36 16.28 3.23
C ASN B 36 -18.25 15.94 4.22
N GLY B 37 -18.65 15.45 5.39
CA GLY B 37 -17.71 15.03 6.43
C GLY B 37 -16.47 15.85 6.74
N ILE B 38 -15.35 15.14 6.86
CA ILE B 38 -14.05 15.74 7.19
C ILE B 38 -13.67 16.88 6.26
N GLY B 39 -13.78 16.65 4.95
CA GLY B 39 -13.44 17.68 3.98
C GLY B 39 -14.20 18.97 4.25
N ARG B 40 -15.48 18.84 4.57
CA ARG B 40 -16.32 19.99 4.85
C ARG B 40 -15.84 20.77 6.06
N SER B 41 -15.63 20.06 7.18
CA SER B 41 -15.16 20.70 8.40
C SER B 41 -13.85 21.41 8.18
N ALA B 42 -12.92 20.73 7.51
CA ALA B 42 -11.62 21.30 7.24
C ALA B 42 -11.76 22.60 6.44
N ALA B 43 -12.61 22.56 5.42
CA ALA B 43 -12.85 23.72 4.59
C ALA B 43 -13.36 24.91 5.41
N VAL B 44 -14.35 24.68 6.28
CA VAL B 44 -14.86 25.80 7.08
C VAL B 44 -13.77 26.31 8.04
N ILE B 45 -12.96 25.42 8.60
CA ILE B 45 -11.90 25.86 9.50
C ILE B 45 -10.93 26.74 8.71
N PHE B 46 -10.41 26.23 7.60
CA PHE B 46 -9.49 27.01 6.78
C PHE B 46 -10.10 28.38 6.47
N ALA B 47 -11.36 28.39 6.06
CA ALA B 47 -12.05 29.64 5.73
C ALA B 47 -12.13 30.58 6.93
N LYS B 48 -12.51 30.04 8.08
CA LYS B 48 -12.60 30.84 9.29
C LYS B 48 -11.23 31.42 9.62
N GLU B 49 -10.18 30.72 9.19
CA GLU B 49 -8.81 31.15 9.44
C GLU B 49 -8.32 32.13 8.37
N GLY B 50 -9.25 32.61 7.55
CA GLY B 50 -8.90 33.57 6.51
C GLY B 50 -8.37 33.04 5.19
N ALA B 51 -8.63 31.77 4.90
CA ALA B 51 -8.16 31.19 3.65
C ALA B 51 -9.17 31.31 2.52
N GLN B 52 -8.66 31.28 1.29
CA GLN B 52 -9.52 31.30 0.12
C GLN B 52 -9.61 29.80 -0.14
N VAL B 53 -10.81 29.24 -0.10
CA VAL B 53 -10.94 27.81 -0.26
C VAL B 53 -11.70 27.29 -1.47
N THR B 54 -11.17 26.24 -2.07
CA THR B 54 -11.81 25.60 -3.20
C THR B 54 -12.48 24.38 -2.59
N ILE B 55 -13.81 24.39 -2.56
CA ILE B 55 -14.54 23.24 -2.03
C ILE B 55 -15.07 22.48 -3.22
N THR B 56 -15.01 21.16 -3.16
CA THR B 56 -15.47 20.38 -4.30
C THR B 56 -16.06 19.02 -3.93
N GLY B 57 -16.85 18.49 -4.85
CA GLY B 57 -17.50 17.20 -4.68
C GLY B 57 -18.34 16.90 -5.91
N ARG B 58 -19.19 15.87 -5.84
CA ARG B 58 -20.04 15.50 -6.96
C ARG B 58 -21.50 15.88 -6.67
N ASN B 59 -21.89 15.79 -5.41
CA ASN B 59 -23.25 16.10 -5.01
C ASN B 59 -23.45 17.61 -4.88
N GLU B 60 -24.11 18.17 -5.89
CA GLU B 60 -24.39 19.60 -5.95
C GLU B 60 -25.08 20.17 -4.72
N ASP B 61 -26.05 19.44 -4.18
CA ASP B 61 -26.77 19.93 -3.02
C ASP B 61 -25.89 20.01 -1.78
N ARG B 62 -25.13 18.95 -1.51
CA ARG B 62 -24.25 18.95 -0.35
C ARG B 62 -23.09 19.94 -0.51
N LEU B 63 -22.61 20.12 -1.74
CA LEU B 63 -21.53 21.07 -1.97
C LEU B 63 -22.04 22.46 -1.61
N GLU B 64 -23.28 22.74 -1.98
CA GLU B 64 -23.92 24.02 -1.71
C GLU B 64 -24.06 24.21 -0.20
N GLU B 65 -24.39 23.13 0.50
CA GLU B 65 -24.55 23.16 1.95
C GLU B 65 -23.23 23.58 2.61
N THR B 66 -22.12 23.07 2.08
CA THR B 66 -20.80 23.40 2.61
C THR B 66 -20.56 24.89 2.40
N LYS B 67 -20.84 25.35 1.18
CA LYS B 67 -20.68 26.75 0.82
C LYS B 67 -21.45 27.66 1.77
N GLN B 68 -22.70 27.28 2.05
CA GLN B 68 -23.56 28.04 2.94
C GLN B 68 -23.03 28.10 4.35
N GLN B 69 -22.42 27.01 4.82
CA GLN B 69 -21.87 26.99 6.17
C GLN B 69 -20.71 27.97 6.24
N ILE B 70 -19.94 28.04 5.16
CA ILE B 70 -18.81 28.95 5.12
C ILE B 70 -19.33 30.38 5.09
N LEU B 71 -20.33 30.63 4.26
CA LEU B 71 -20.91 31.97 4.17
C LEU B 71 -21.49 32.36 5.53
N LYS B 72 -22.19 31.42 6.16
CA LYS B 72 -22.79 31.66 7.47
C LYS B 72 -21.73 31.99 8.51
N ALA B 73 -20.48 31.63 8.23
CA ALA B 73 -19.38 31.89 9.14
C ALA B 73 -18.88 33.33 8.97
N GLY B 74 -19.46 34.04 8.00
CA GLY B 74 -19.08 35.42 7.75
C GLY B 74 -18.01 35.56 6.68
N VAL B 75 -17.75 34.48 5.95
CA VAL B 75 -16.73 34.51 4.90
C VAL B 75 -17.37 34.99 3.60
N PRO B 76 -16.78 36.00 2.97
CA PRO B 76 -17.30 36.54 1.71
C PRO B 76 -17.26 35.51 0.59
N ALA B 77 -18.28 35.53 -0.26
CA ALA B 77 -18.38 34.58 -1.37
C ALA B 77 -17.18 34.55 -2.30
N GLU B 78 -16.50 35.68 -2.47
CA GLU B 78 -15.35 35.71 -3.37
C GLU B 78 -14.17 34.88 -2.87
N LYS B 79 -14.19 34.52 -1.59
CA LYS B 79 -13.13 33.72 -0.99
C LYS B 79 -13.47 32.23 -1.04
N ILE B 80 -14.52 31.89 -1.78
CA ILE B 80 -14.97 30.51 -1.93
C ILE B 80 -15.10 30.11 -3.40
N ASN B 81 -14.48 29.00 -3.76
CA ASN B 81 -14.56 28.49 -5.12
C ASN B 81 -15.14 27.09 -5.09
N ALA B 82 -16.45 26.98 -5.31
CA ALA B 82 -17.12 25.69 -5.30
C ALA B 82 -17.12 25.06 -6.69
N VAL B 83 -16.56 23.85 -6.77
CA VAL B 83 -16.46 23.14 -8.05
C VAL B 83 -17.11 21.76 -8.01
N VAL B 84 -18.05 21.53 -8.93
CA VAL B 84 -18.71 20.23 -9.02
C VAL B 84 -17.86 19.39 -9.96
N ALA B 85 -17.25 18.34 -9.42
CA ALA B 85 -16.39 17.48 -10.22
C ALA B 85 -16.15 16.11 -9.60
N ASP B 86 -15.70 15.19 -10.43
CA ASP B 86 -15.38 13.84 -10.02
C ASP B 86 -13.85 13.85 -9.96
N VAL B 87 -13.32 13.72 -8.75
CA VAL B 87 -11.87 13.78 -8.56
C VAL B 87 -11.06 12.72 -9.31
N THR B 88 -11.74 11.70 -9.82
CA THR B 88 -11.06 10.63 -10.57
C THR B 88 -11.04 10.92 -12.07
N GLU B 89 -11.77 11.94 -12.49
CA GLU B 89 -11.79 12.33 -13.90
C GLU B 89 -10.75 13.41 -14.16
N ALA B 90 -10.00 13.24 -15.24
CA ALA B 90 -8.96 14.21 -15.60
C ALA B 90 -9.52 15.63 -15.71
N SER B 91 -10.60 15.78 -16.47
CA SER B 91 -11.21 17.09 -16.65
C SER B 91 -11.72 17.65 -15.32
N GLY B 92 -12.17 16.77 -14.43
CA GLY B 92 -12.66 17.21 -13.14
C GLY B 92 -11.52 17.78 -12.29
N GLN B 93 -10.39 17.10 -12.33
CA GLN B 93 -9.19 17.51 -11.60
C GLN B 93 -8.73 18.85 -12.15
N ASP B 94 -8.65 18.94 -13.48
CA ASP B 94 -8.22 20.16 -14.16
C ASP B 94 -9.13 21.31 -13.79
N ASP B 95 -10.43 21.04 -13.79
CA ASP B 95 -11.42 22.06 -13.46
C ASP B 95 -11.17 22.59 -12.03
N ILE B 96 -10.94 21.66 -11.10
CA ILE B 96 -10.68 22.03 -9.70
C ILE B 96 -9.47 22.94 -9.60
N ILE B 97 -8.39 22.53 -10.22
CA ILE B 97 -7.12 23.26 -10.21
C ILE B 97 -7.16 24.57 -11.00
N ASN B 98 -7.67 24.52 -12.23
CA ASN B 98 -7.73 25.72 -13.06
C ASN B 98 -8.61 26.82 -12.46
N THR B 99 -9.78 26.47 -11.96
CA THR B 99 -10.67 27.47 -11.39
C THR B 99 -10.08 28.11 -10.14
N THR B 100 -9.33 27.33 -9.36
CA THR B 100 -8.71 27.90 -8.17
C THR B 100 -7.58 28.83 -8.58
N LEU B 101 -6.85 28.48 -9.63
CA LEU B 101 -5.74 29.32 -10.10
C LEU B 101 -6.32 30.61 -10.69
N ALA B 102 -7.36 30.48 -11.52
CA ALA B 102 -7.97 31.62 -12.18
C ALA B 102 -8.51 32.57 -11.13
N LYS B 103 -9.19 32.02 -10.13
CA LYS B 103 -9.78 32.90 -9.14
C LYS B 103 -8.86 33.41 -8.01
N PHE B 104 -7.97 32.56 -7.51
CA PHE B 104 -7.09 32.96 -6.42
C PHE B 104 -5.68 33.26 -6.92
N GLY B 105 -5.37 32.82 -8.14
CA GLY B 105 -4.07 33.07 -8.74
C GLY B 105 -2.88 32.31 -8.19
N LYS B 106 -3.14 31.30 -7.37
CA LYS B 106 -2.08 30.51 -6.76
C LYS B 106 -2.70 29.39 -5.94
N ILE B 107 -1.86 28.45 -5.51
CA ILE B 107 -2.29 27.33 -4.68
C ILE B 107 -1.27 27.13 -3.58
N ASP B 108 -1.71 27.18 -2.33
CA ASP B 108 -0.82 27.03 -1.18
C ASP B 108 -0.90 25.66 -0.53
N ILE B 109 -2.12 25.13 -0.41
CA ILE B 109 -2.31 23.86 0.25
C ILE B 109 -3.23 22.92 -0.51
N LEU B 110 -2.86 21.65 -0.57
CA LEU B 110 -3.68 20.64 -1.22
C LEU B 110 -4.06 19.61 -0.17
N VAL B 111 -5.35 19.40 0.03
CA VAL B 111 -5.80 18.41 0.99
C VAL B 111 -6.50 17.28 0.25
N ASN B 112 -5.77 16.18 0.04
CA ASN B 112 -6.32 15.01 -0.63
C ASN B 112 -7.17 14.26 0.37
N ASN B 113 -8.41 14.74 0.55
CA ASN B 113 -9.34 14.16 1.51
C ASN B 113 -10.37 13.23 0.90
N ALA B 114 -10.76 13.49 -0.35
CA ALA B 114 -11.76 12.65 -1.02
C ALA B 114 -11.39 11.16 -0.93
N GLY B 115 -12.36 10.34 -0.56
CA GLY B 115 -12.13 8.91 -0.45
C GLY B 115 -13.36 8.17 0.04
N ALA B 116 -13.37 6.86 -0.13
CA ALA B 116 -14.52 6.06 0.30
C ALA B 116 -14.25 4.57 0.22
N ASN B 117 -14.95 3.80 1.04
CA ASN B 117 -14.81 2.36 1.04
C ASN B 117 -15.90 1.86 0.10
N LEU B 118 -15.59 1.83 -1.20
CA LEU B 118 -16.55 1.40 -2.20
C LEU B 118 -17.09 0.00 -1.93
N ALA B 119 -18.41 -0.11 -1.90
CA ALA B 119 -19.09 -1.38 -1.65
C ALA B 119 -19.95 -1.82 -2.83
N ASP B 120 -19.89 -3.10 -3.18
CA ASP B 120 -20.70 -3.63 -4.27
C ASP B 120 -21.51 -4.84 -3.81
N GLY B 121 -21.48 -5.09 -2.50
CA GLY B 121 -22.22 -6.22 -1.96
C GLY B 121 -21.33 -7.38 -1.57
N THR B 122 -20.15 -7.47 -2.17
CA THR B 122 -19.25 -8.57 -1.84
C THR B 122 -18.31 -8.16 -0.70
N ALA B 123 -17.64 -9.14 -0.11
CA ALA B 123 -16.72 -8.86 0.99
C ALA B 123 -15.56 -9.83 1.01
N ASN B 124 -14.60 -9.57 1.90
CA ASN B 124 -13.43 -10.42 2.06
C ASN B 124 -12.55 -10.53 0.80
N THR B 125 -11.69 -11.54 0.76
CA THR B 125 -10.81 -11.69 -0.38
C THR B 125 -11.58 -12.01 -1.66
N ASP B 126 -12.89 -12.16 -1.54
CA ASP B 126 -13.71 -12.48 -2.71
C ASP B 126 -14.16 -11.25 -3.50
N GLN B 127 -13.92 -10.06 -2.95
CA GLN B 127 -14.31 -8.84 -3.66
C GLN B 127 -13.62 -8.87 -5.02
N PRO B 128 -14.37 -8.58 -6.10
CA PRO B 128 -13.86 -8.57 -7.48
C PRO B 128 -12.74 -7.57 -7.76
N VAL B 129 -11.88 -7.87 -8.73
CA VAL B 129 -10.79 -6.96 -9.08
C VAL B 129 -11.36 -5.66 -9.62
N GLU B 130 -12.56 -5.72 -10.18
CA GLU B 130 -13.18 -4.52 -10.72
C GLU B 130 -13.38 -3.54 -9.56
N LEU B 131 -13.73 -4.07 -8.39
CA LEU B 131 -13.96 -3.23 -7.21
C LEU B 131 -12.60 -2.71 -6.76
N TYR B 132 -11.56 -3.53 -6.96
CA TYR B 132 -10.21 -3.14 -6.60
C TYR B 132 -9.79 -1.95 -7.47
N GLN B 133 -10.07 -2.04 -8.77
CA GLN B 133 -9.70 -0.99 -9.71
C GLN B 133 -10.37 0.34 -9.38
N LYS B 134 -11.67 0.30 -9.11
CA LYS B 134 -12.41 1.51 -8.78
C LYS B 134 -11.95 2.07 -7.44
N THR B 135 -11.75 1.18 -6.47
CA THR B 135 -11.32 1.59 -5.15
C THR B 135 -9.98 2.33 -5.23
N PHE B 136 -9.02 1.75 -5.95
CA PHE B 136 -7.72 2.39 -6.07
C PHE B 136 -7.78 3.63 -6.94
N LYS B 137 -8.69 3.62 -7.90
CA LYS B 137 -8.85 4.75 -8.81
C LYS B 137 -9.14 6.02 -7.99
N LEU B 138 -10.03 5.89 -7.02
CA LEU B 138 -10.42 7.01 -6.15
C LEU B 138 -9.47 7.30 -4.98
N ASN B 139 -9.24 6.29 -4.15
CA ASN B 139 -8.41 6.44 -2.96
C ASN B 139 -6.91 6.52 -3.19
N PHE B 140 -6.44 6.20 -4.38
CA PHE B 140 -5.01 6.25 -4.63
C PHE B 140 -4.59 6.98 -5.90
N GLN B 141 -5.03 6.49 -7.05
CA GLN B 141 -4.65 7.11 -8.32
C GLN B 141 -5.01 8.61 -8.38
N ALA B 142 -6.17 8.96 -7.83
CA ALA B 142 -6.61 10.36 -7.83
C ALA B 142 -5.67 11.21 -6.97
N VAL B 143 -5.09 10.60 -5.94
CA VAL B 143 -4.17 11.32 -5.06
C VAL B 143 -2.88 11.58 -5.83
N ILE B 144 -2.44 10.59 -6.60
CA ILE B 144 -1.24 10.71 -7.41
C ILE B 144 -1.42 11.85 -8.40
N GLU B 145 -2.54 11.81 -9.11
CA GLU B 145 -2.85 12.81 -10.12
C GLU B 145 -2.97 14.24 -9.58
N MET B 146 -3.69 14.41 -8.47
CA MET B 146 -3.83 15.75 -7.89
C MET B 146 -2.46 16.24 -7.43
N THR B 147 -1.67 15.33 -6.89
CA THR B 147 -0.34 15.68 -6.41
C THR B 147 0.52 16.14 -7.59
N GLN B 148 0.51 15.38 -8.69
CA GLN B 148 1.31 15.73 -9.86
C GLN B 148 0.88 17.03 -10.53
N LYS B 149 -0.43 17.26 -10.59
CA LYS B 149 -0.97 18.46 -11.21
C LYS B 149 -0.90 19.69 -10.33
N THR B 150 -0.70 19.49 -9.02
CA THR B 150 -0.62 20.61 -8.10
C THR B 150 0.81 20.97 -7.74
N LYS B 151 1.71 19.99 -7.81
CA LYS B 151 3.13 20.16 -7.50
C LYS B 151 3.72 21.53 -7.82
N GLU B 152 3.87 21.80 -9.12
CA GLU B 152 4.48 23.04 -9.58
C GLU B 152 3.93 24.28 -8.91
N HIS B 153 2.64 24.32 -8.65
CA HIS B 153 2.05 25.49 -8.01
C HIS B 153 2.40 25.54 -6.52
N LEU B 154 2.46 24.37 -5.88
CA LEU B 154 2.80 24.31 -4.47
C LEU B 154 4.25 24.71 -4.28
N ILE B 155 5.12 24.41 -5.23
CA ILE B 155 6.51 24.77 -5.06
C ILE B 155 6.72 26.27 -5.28
N LYS B 156 5.84 26.92 -6.04
CA LYS B 156 5.97 28.36 -6.26
C LYS B 156 5.59 29.12 -4.99
N THR B 157 4.82 28.47 -4.12
CA THR B 157 4.41 29.09 -2.87
C THR B 157 5.04 28.39 -1.67
N LYS B 158 5.85 27.36 -1.94
CA LYS B 158 6.46 26.57 -0.87
C LYS B 158 5.34 26.15 0.06
N GLY B 159 4.33 25.52 -0.53
CA GLY B 159 3.16 25.09 0.20
C GLY B 159 3.14 23.75 0.89
N GLU B 160 1.93 23.26 1.10
CA GLU B 160 1.69 22.01 1.81
C GLU B 160 0.73 21.04 1.13
N ILE B 161 0.87 19.77 1.51
CA ILE B 161 -0.02 18.72 1.05
C ILE B 161 -0.36 17.93 2.29
N VAL B 162 -1.64 17.69 2.50
CA VAL B 162 -2.08 16.89 3.62
C VAL B 162 -3.02 15.83 3.06
N ASN B 163 -2.61 14.57 3.17
CA ASN B 163 -3.42 13.47 2.70
C ASN B 163 -4.21 12.91 3.88
N VAL B 164 -5.38 12.34 3.57
CA VAL B 164 -6.21 11.75 4.62
C VAL B 164 -6.27 10.25 4.36
N SER B 165 -5.50 9.51 5.17
CA SER B 165 -5.44 8.06 5.04
C SER B 165 -6.48 7.39 5.95
N SER B 166 -6.07 6.33 6.66
CA SER B 166 -6.98 5.61 7.55
C SER B 166 -6.27 4.47 8.30
N ILE B 167 -6.77 4.14 9.47
CA ILE B 167 -6.18 3.05 10.25
C ILE B 167 -6.41 1.72 9.54
N VAL B 168 -7.30 1.73 8.55
CA VAL B 168 -7.60 0.53 7.78
C VAL B 168 -6.35 0.07 7.01
N ALA B 169 -5.35 0.93 6.95
CA ALA B 169 -4.11 0.59 6.25
C ALA B 169 -3.26 -0.41 7.06
N GLY B 170 -3.50 -0.45 8.37
CA GLY B 170 -2.76 -1.34 9.26
C GLY B 170 -2.56 -0.65 10.60
N PRO B 171 -1.82 -1.24 11.55
CA PRO B 171 -1.12 -2.53 11.45
C PRO B 171 -2.01 -3.76 11.57
N GLN B 172 -3.30 -3.57 11.88
CA GLN B 172 -4.20 -4.72 11.98
C GLN B 172 -4.71 -5.07 10.59
N ALA B 173 -5.31 -6.25 10.49
CA ALA B 173 -5.87 -6.68 9.22
C ALA B 173 -7.29 -6.15 9.12
N HIS B 174 -7.72 -5.89 7.89
CA HIS B 174 -9.06 -5.40 7.59
C HIS B 174 -9.48 -6.23 6.39
N SER B 175 -9.57 -7.54 6.65
CA SER B 175 -9.92 -8.54 5.65
C SER B 175 -11.28 -8.42 4.97
N GLY B 176 -12.25 -7.77 5.61
CA GLY B 176 -13.55 -7.64 4.99
C GLY B 176 -13.57 -6.77 3.72
N TYR B 177 -12.62 -5.86 3.60
CA TYR B 177 -12.53 -4.95 2.46
C TYR B 177 -11.05 -4.66 2.17
N PRO B 178 -10.31 -5.68 1.68
CA PRO B 178 -8.89 -5.58 1.37
C PRO B 178 -8.43 -4.47 0.43
N TYR B 179 -9.24 -4.16 -0.57
CA TYR B 179 -8.84 -3.14 -1.55
C TYR B 179 -8.80 -1.74 -0.97
N TYR B 180 -9.80 -1.41 -0.17
CA TYR B 180 -9.88 -0.11 0.48
C TYR B 180 -8.71 -0.01 1.47
N ALA B 181 -8.50 -1.08 2.23
CA ALA B 181 -7.43 -1.13 3.22
C ALA B 181 -6.07 -0.97 2.56
N CYS B 182 -5.86 -1.69 1.46
CA CYS B 182 -4.58 -1.64 0.76
C CYS B 182 -4.35 -0.33 0.02
N ALA B 183 -5.43 0.34 -0.39
CA ALA B 183 -5.29 1.62 -1.08
C ALA B 183 -4.69 2.62 -0.09
N LYS B 184 -5.20 2.57 1.14
CA LYS B 184 -4.74 3.46 2.19
C LYS B 184 -3.29 3.13 2.55
N ALA B 185 -2.96 1.84 2.57
CA ALA B 185 -1.60 1.43 2.89
C ALA B 185 -0.67 2.00 1.82
N ALA B 186 -1.13 1.96 0.58
CA ALA B 186 -0.33 2.50 -0.53
C ALA B 186 -0.18 4.00 -0.32
N LEU B 187 -1.28 4.64 0.07
CA LEU B 187 -1.29 6.08 0.32
C LEU B 187 -0.20 6.49 1.30
N ASP B 188 -0.08 5.73 2.40
CA ASP B 188 0.92 6.04 3.42
C ASP B 188 2.35 6.06 2.89
N GLN B 189 2.71 5.07 2.09
CA GLN B 189 4.06 5.05 1.54
C GLN B 189 4.18 6.15 0.49
N TYR B 190 3.06 6.55 -0.11
CA TYR B 190 3.11 7.62 -1.12
C TYR B 190 3.37 8.94 -0.40
N THR B 191 2.79 9.07 0.78
CA THR B 191 2.99 10.25 1.60
C THR B 191 4.47 10.38 1.94
N ARG B 192 5.08 9.26 2.32
CA ARG B 192 6.50 9.28 2.64
C ARG B 192 7.36 9.56 1.40
N CYS B 193 7.06 8.90 0.30
CA CYS B 193 7.83 9.10 -0.94
C CYS B 193 7.77 10.54 -1.44
N THR B 194 6.57 11.05 -1.60
CA THR B 194 6.42 12.41 -2.10
C THR B 194 6.92 13.45 -1.09
N ALA B 195 6.91 13.11 0.19
CA ALA B 195 7.37 14.05 1.21
C ALA B 195 8.87 14.26 1.07
N ILE B 196 9.62 13.18 0.92
CA ILE B 196 11.07 13.26 0.77
C ILE B 196 11.48 13.84 -0.58
N ASP B 197 10.70 13.57 -1.61
CA ASP B 197 11.03 14.09 -2.94
C ASP B 197 10.65 15.55 -3.09
N LEU B 198 9.49 15.91 -2.57
CA LEU B 198 9.02 17.28 -2.69
C LEU B 198 9.58 18.29 -1.68
N ILE B 199 10.11 17.82 -0.56
CA ILE B 199 10.65 18.77 0.42
C ILE B 199 11.88 19.45 -0.18
N GLN B 200 12.48 18.80 -1.18
CA GLN B 200 13.65 19.34 -1.86
C GLN B 200 13.27 20.67 -2.50
N HIS B 201 12.03 20.76 -2.96
CA HIS B 201 11.55 21.96 -3.61
C HIS B 201 10.69 22.83 -2.71
N GLY B 202 10.83 22.61 -1.40
CA GLY B 202 10.11 23.42 -0.43
C GLY B 202 8.68 23.09 -0.07
N VAL B 203 8.14 21.95 -0.50
CA VAL B 203 6.78 21.63 -0.11
C VAL B 203 6.76 20.49 0.89
N ARG B 204 5.97 20.65 1.96
CA ARG B 204 5.87 19.64 2.99
C ARG B 204 4.68 18.72 2.72
N VAL B 205 4.87 17.45 2.99
CA VAL B 205 3.81 16.47 2.79
C VAL B 205 3.63 15.62 4.04
N ASN B 206 2.41 15.60 4.56
CA ASN B 206 2.08 14.80 5.72
C ASN B 206 0.69 14.22 5.56
N SER B 207 0.24 13.49 6.57
CA SER B 207 -1.05 12.85 6.49
C SER B 207 -1.69 12.63 7.85
N VAL B 208 -2.97 12.26 7.82
CA VAL B 208 -3.73 11.95 9.02
C VAL B 208 -4.42 10.62 8.76
N SER B 209 -4.32 9.70 9.73
CA SER B 209 -4.97 8.40 9.61
C SER B 209 -6.10 8.36 10.65
N PRO B 210 -7.32 8.71 10.23
CA PRO B 210 -8.45 8.71 11.16
C PRO B 210 -8.94 7.31 11.53
N GLY B 211 -9.57 7.22 12.70
CA GLY B 211 -10.17 5.98 13.13
C GLY B 211 -11.61 6.21 12.72
N ALA B 212 -12.59 5.74 13.50
CA ALA B 212 -13.98 5.95 13.15
C ALA B 212 -14.41 7.41 13.31
N VAL B 213 -15.06 7.95 12.28
CA VAL B 213 -15.54 9.33 12.31
C VAL B 213 -16.98 9.36 11.81
N ALA B 214 -17.88 9.94 12.60
CA ALA B 214 -19.29 10.03 12.23
C ALA B 214 -19.51 11.04 11.12
N THR B 215 -19.45 10.56 9.88
CA THR B 215 -19.65 11.42 8.72
C THR B 215 -20.70 10.77 7.80
N GLY B 216 -20.54 10.97 6.49
CA GLY B 216 -21.45 10.36 5.54
C GLY B 216 -20.79 9.11 4.99
N PHE B 217 -19.69 8.72 5.61
CA PHE B 217 -18.92 7.56 5.17
C PHE B 217 -19.73 6.27 5.07
N MET B 218 -20.44 5.91 6.14
CA MET B 218 -21.24 4.68 6.11
C MET B 218 -22.43 4.84 5.18
N GLY B 219 -22.92 6.07 5.06
CA GLY B 219 -24.05 6.34 4.19
C GLY B 219 -23.65 6.04 2.76
N ALA B 220 -22.44 6.45 2.39
CA ALA B 220 -21.93 6.20 1.04
C ALA B 220 -21.77 4.70 0.78
N MET B 221 -21.66 3.91 1.84
CA MET B 221 -21.51 2.46 1.69
C MET B 221 -22.87 1.78 1.54
N GLY B 222 -23.94 2.55 1.72
CA GLY B 222 -25.27 2.00 1.58
C GLY B 222 -26.11 1.98 2.85
N LEU B 223 -25.56 2.45 3.97
CA LEU B 223 -26.31 2.45 5.21
C LEU B 223 -27.22 3.65 5.39
N PRO B 224 -28.49 3.40 5.75
CA PRO B 224 -29.46 4.48 5.95
C PRO B 224 -28.96 5.28 7.16
N GLU B 225 -29.30 6.56 7.20
CA GLU B 225 -28.86 7.42 8.28
C GLU B 225 -29.14 6.79 9.65
N THR B 226 -30.33 6.21 9.81
CA THR B 226 -30.71 5.59 11.08
C THR B 226 -29.75 4.48 11.48
N ALA B 227 -29.30 3.70 10.50
CA ALA B 227 -28.37 2.61 10.78
C ALA B 227 -26.96 3.11 11.04
N SER B 228 -26.51 4.10 10.26
CA SER B 228 -25.17 4.63 10.46
C SER B 228 -25.10 5.26 11.85
N ASP B 229 -26.17 5.93 12.27
CA ASP B 229 -26.22 6.56 13.58
C ASP B 229 -26.07 5.52 14.70
N LYS B 230 -26.81 4.43 14.56
CA LYS B 230 -26.78 3.35 15.55
C LYS B 230 -25.35 2.82 15.68
N LEU B 231 -24.68 2.66 14.54
CA LEU B 231 -23.31 2.16 14.50
C LEU B 231 -22.32 3.09 15.20
N TYR B 232 -22.31 4.36 14.79
CA TYR B 232 -21.40 5.34 15.38
C TYR B 232 -21.65 5.49 16.87
N SER B 233 -22.91 5.38 17.25
CA SER B 233 -23.28 5.51 18.65
C SER B 233 -22.80 4.33 19.47
N PHE B 234 -22.88 3.13 18.89
CA PHE B 234 -22.45 1.92 19.58
C PHE B 234 -20.95 1.87 19.81
N ILE B 235 -20.16 2.07 18.76
CA ILE B 235 -18.71 2.04 18.90
C ILE B 235 -18.21 3.19 19.76
N GLY B 236 -18.93 4.31 19.69
CA GLY B 236 -18.55 5.47 20.46
C GLY B 236 -18.75 5.28 21.96
N SER B 237 -19.56 4.28 22.34
CA SER B 237 -19.83 4.03 23.76
C SER B 237 -19.13 2.81 24.33
N ARG B 238 -18.45 2.05 23.47
CA ARG B 238 -17.74 0.85 23.91
C ARG B 238 -16.24 1.12 23.96
N LYS B 239 -15.68 1.14 25.18
CA LYS B 239 -14.25 1.42 25.36
C LYS B 239 -13.32 0.49 24.57
N GLU B 240 -13.75 -0.75 24.34
CA GLU B 240 -12.90 -1.68 23.59
C GLU B 240 -12.94 -1.35 22.11
N CYS B 241 -13.87 -0.48 21.72
CA CYS B 241 -14.00 -0.04 20.34
C CYS B 241 -13.28 1.29 20.18
N ILE B 242 -13.63 2.26 21.03
CA ILE B 242 -13.02 3.57 21.00
C ILE B 242 -12.76 4.03 22.44
N PRO B 243 -11.56 3.77 22.95
CA PRO B 243 -11.17 4.14 24.30
C PRO B 243 -11.52 5.57 24.74
N VAL B 244 -11.42 6.52 23.81
CA VAL B 244 -11.67 7.91 24.18
C VAL B 244 -13.07 8.23 24.70
N GLY B 245 -14.03 7.32 24.49
CA GLY B 245 -15.36 7.57 25.00
C GLY B 245 -16.38 8.20 24.08
N HIS B 246 -16.02 8.43 22.82
CA HIS B 246 -16.95 9.00 21.86
C HIS B 246 -16.49 8.73 20.45
N CYS B 247 -17.44 8.66 19.52
CA CYS B 247 -17.10 8.42 18.13
C CYS B 247 -16.48 9.72 17.58
N GLY B 248 -15.52 9.57 16.68
CA GLY B 248 -14.86 10.74 16.13
C GLY B 248 -15.80 11.68 15.41
N LYS B 249 -15.49 12.96 15.47
CA LYS B 249 -16.27 14.01 14.81
C LYS B 249 -15.39 14.60 13.73
N PRO B 250 -15.97 14.99 12.59
CA PRO B 250 -15.21 15.58 11.48
C PRO B 250 -14.26 16.69 11.92
N GLU B 251 -14.72 17.54 12.82
CA GLU B 251 -13.89 18.63 13.28
C GLU B 251 -12.60 18.16 13.96
N GLU B 252 -12.70 17.04 14.68
CA GLU B 252 -11.54 16.49 15.38
C GLU B 252 -10.42 16.11 14.41
N ILE B 253 -10.79 15.60 13.24
CA ILE B 253 -9.80 15.23 12.24
C ILE B 253 -9.38 16.51 11.49
N ALA B 254 -10.35 17.39 11.25
CA ALA B 254 -10.08 18.64 10.56
C ALA B 254 -9.01 19.47 11.29
N ASN B 255 -9.11 19.53 12.61
CA ASN B 255 -8.15 20.27 13.42
C ASN B 255 -6.72 19.81 13.17
N ILE B 256 -6.54 18.50 12.99
CA ILE B 256 -5.21 17.98 12.77
C ILE B 256 -4.75 18.20 11.33
N ILE B 257 -5.69 18.19 10.39
CA ILE B 257 -5.34 18.46 9.01
C ILE B 257 -4.83 19.92 8.95
N VAL B 258 -5.57 20.82 9.60
CA VAL B 258 -5.21 22.22 9.64
C VAL B 258 -3.85 22.44 10.31
N PHE B 259 -3.62 21.75 11.42
CA PHE B 259 -2.35 21.86 12.13
C PHE B 259 -1.20 21.44 11.21
N LEU B 260 -1.39 20.34 10.49
CA LEU B 260 -0.35 19.86 9.58
C LEU B 260 -0.19 20.76 8.37
N ALA B 261 -1.20 21.56 8.08
CA ALA B 261 -1.15 22.47 6.92
C ALA B 261 -0.53 23.80 7.33
N ASP B 262 -0.24 23.94 8.62
CA ASP B 262 0.33 25.16 9.17
C ASP B 262 1.84 25.09 9.35
N ARG B 263 2.58 25.50 8.33
CA ARG B 263 4.05 25.50 8.36
C ARG B 263 4.58 26.05 9.68
N ASN B 264 4.00 27.16 10.13
CA ASN B 264 4.43 27.83 11.33
C ASN B 264 4.44 26.97 12.60
N LEU B 265 3.55 25.99 12.68
CA LEU B 265 3.45 25.14 13.85
C LEU B 265 4.01 23.73 13.71
N SER B 266 3.87 23.12 12.53
CA SER B 266 4.32 21.75 12.33
C SER B 266 5.48 21.57 11.35
N SER B 267 6.20 22.66 11.11
CA SER B 267 7.32 22.69 10.17
C SER B 267 8.31 21.52 10.24
N TYR B 268 8.54 20.98 11.43
CA TYR B 268 9.51 19.90 11.56
C TYR B 268 8.94 18.49 11.38
N ILE B 269 7.64 18.40 11.12
CA ILE B 269 6.99 17.11 10.87
C ILE B 269 6.98 16.93 9.34
N ILE B 270 7.59 15.86 8.86
CA ILE B 270 7.68 15.59 7.43
C ILE B 270 7.41 14.12 7.10
N GLY B 271 6.52 13.88 6.14
CA GLY B 271 6.22 12.51 5.73
C GLY B 271 5.65 11.59 6.80
N GLN B 272 4.83 12.13 7.69
CA GLN B 272 4.23 11.34 8.74
C GLN B 272 2.71 11.38 8.60
N SER B 273 2.06 10.35 9.12
CA SER B 273 0.60 10.30 9.13
C SER B 273 0.23 10.09 10.59
N ILE B 274 -0.29 11.12 11.24
CA ILE B 274 -0.63 10.96 12.65
C ILE B 274 -1.98 10.28 12.80
N VAL B 275 -1.98 9.20 13.59
CA VAL B 275 -3.17 8.41 13.85
C VAL B 275 -4.11 9.11 14.83
N ALA B 276 -5.36 9.28 14.42
CA ALA B 276 -6.37 9.92 15.26
C ALA B 276 -7.57 8.98 15.28
N ASP B 277 -7.57 8.04 16.22
CA ASP B 277 -8.63 7.04 16.30
C ASP B 277 -9.23 6.87 17.70
N GLY B 278 -9.09 7.87 18.56
CA GLY B 278 -9.61 7.75 19.91
C GLY B 278 -9.02 6.56 20.65
N GLY B 279 -7.92 6.02 20.11
CA GLY B 279 -7.24 4.89 20.73
C GLY B 279 -7.64 3.51 20.25
N SER B 280 -8.48 3.44 19.22
CA SER B 280 -8.93 2.14 18.70
C SER B 280 -7.84 1.12 18.39
N THR B 281 -6.86 1.49 17.58
CA THR B 281 -5.79 0.58 17.21
C THR B 281 -4.91 0.13 18.38
N LEU B 282 -5.12 0.69 19.57
CA LEU B 282 -4.31 0.31 20.74
C LEU B 282 -4.93 -0.87 21.51
N VAL B 283 -6.07 -1.36 21.01
CA VAL B 283 -6.77 -2.46 21.63
C VAL B 283 -6.80 -3.72 20.77
N MET B 284 -6.39 -4.85 21.36
CA MET B 284 -6.39 -6.14 20.66
C MET B 284 -7.73 -6.82 20.81
N GLY B 285 -8.04 -7.73 19.89
CA GLY B 285 -9.29 -8.46 19.98
C GLY B 285 -9.31 -9.32 21.24
N MET B 286 -8.14 -9.87 21.58
CA MET B 286 -8.02 -10.72 22.77
C MET B 286 -8.25 -9.95 24.07
N GLN B 287 -8.02 -8.65 24.03
CA GLN B 287 -8.18 -7.82 25.21
C GLN B 287 -9.64 -7.48 25.52
N THR B 288 -10.57 -7.89 24.66
CA THR B 288 -11.98 -7.59 24.90
C THR B 288 -12.57 -8.50 25.97
N HIS B 289 -11.79 -9.48 26.42
CA HIS B 289 -12.23 -10.40 27.47
C HIS B 289 -11.33 -10.19 28.68
N ASP B 290 -11.92 -10.04 29.87
CA ASP B 290 -11.10 -9.85 31.06
C ASP B 290 -10.87 -11.23 31.68
N LEU B 291 -9.74 -11.40 32.37
CA LEU B 291 -9.38 -12.67 32.98
C LEU B 291 -10.47 -13.35 33.80
N MET B 292 -11.02 -12.61 34.77
CA MET B 292 -12.06 -13.16 35.63
C MET B 292 -13.23 -13.80 34.89
N SER B 293 -13.86 -13.03 34.01
CA SER B 293 -15.00 -13.55 33.25
C SER B 293 -14.67 -14.80 32.45
N VAL B 294 -13.41 -14.92 32.02
CA VAL B 294 -12.98 -16.09 31.25
C VAL B 294 -12.86 -17.29 32.17
N LEU B 295 -12.46 -17.05 33.42
CA LEU B 295 -12.31 -18.12 34.40
C LEU B 295 -13.63 -18.50 35.05
N SER B 296 -14.73 -17.91 34.58
CA SER B 296 -16.04 -18.20 35.14
C SER B 296 -16.88 -19.05 34.18
#